data_2HZN
#
_entry.id   2HZN
#
_cell.length_a   105.431
_cell.length_b   105.431
_cell.length_c   110.358
_cell.angle_alpha   90.00
_cell.angle_beta   90.00
_cell.angle_gamma   90.00
#
_symmetry.space_group_name_H-M   'I 41 2 2'
#
loop_
_entity.id
_entity.type
_entity.pdbx_description
1 polymer 'Proto-oncogene tyrosine-protein kinase ABL1'
2 non-polymer 1-[4-(PYRIDIN-4-YLOXY)PHENYL]-3-[3-(TRIFLUOROMETHYL)PHENYL]UREA
#
_entity_poly.entity_id   1
_entity_poly.type   'polypeptide(L)'
_entity_poly.pdbx_seq_one_letter_code
;GAMDPSSPNYDKWEMERTDITMKHKLGGGQYGEVYEGVWKKYSLTVAVKTLKEDTMEVEEFLKEAAVMKEIKHPNLVQLL
GVCTREPPFYIITEFMTYGNLLDYLRECNRQEVSAVVLLYMATQISSAMEYLEKKNFIHRDLAARNCLVGENHLVKVADF
GLSRLMTGDTYTAHAGAKFPIKWTAPESLAYNKFSIKSDVWAFGVLLWEIATYGMSPYPGIDLSQVYELLEKDYRMERPE
GCPEKVYELMRACWQWNPSDRPSFAEIHQAFETMFQESSISDEVEKELGKRGT
;
_entity_poly.pdbx_strand_id   A
#
# COMPACT_ATOMS: atom_id res chain seq x y z
N MET A 3 4.51 10.13 -27.85
CA MET A 3 5.59 10.67 -28.71
C MET A 3 5.74 10.06 -30.11
N ASP A 4 6.99 9.93 -30.50
CA ASP A 4 7.29 9.47 -31.85
C ASP A 4 7.99 8.07 -31.85
N PRO A 5 7.33 7.09 -32.44
CA PRO A 5 7.92 5.76 -32.45
C PRO A 5 9.39 5.59 -32.87
N SER A 6 9.77 6.21 -33.99
CA SER A 6 11.14 6.12 -34.50
C SER A 6 12.10 6.94 -33.63
N SER A 7 11.59 8.02 -33.05
CA SER A 7 12.41 8.88 -32.20
C SER A 7 13.28 8.03 -31.26
N PRO A 8 14.43 8.61 -30.89
CA PRO A 8 15.41 7.92 -30.09
C PRO A 8 15.02 7.77 -28.62
N ASN A 9 14.16 8.66 -28.13
CA ASN A 9 13.75 8.56 -26.74
C ASN A 9 12.35 8.04 -26.56
N TYR A 10 11.86 7.29 -27.55
CA TYR A 10 10.50 6.82 -27.47
C TYR A 10 10.20 6.13 -26.16
N ASP A 11 9.07 6.53 -25.58
CA ASP A 11 8.58 5.96 -24.36
C ASP A 11 7.11 5.70 -24.59
N LYS A 12 6.71 4.43 -24.50
CA LYS A 12 5.33 4.11 -24.73
C LYS A 12 4.42 4.83 -23.76
N TRP A 13 4.88 4.94 -22.52
CA TRP A 13 4.08 5.50 -21.45
C TRP A 13 3.84 7.01 -21.49
N GLU A 14 4.71 7.76 -22.18
CA GLU A 14 4.54 9.21 -22.22
C GLU A 14 3.34 9.53 -23.08
N MET A 15 2.40 10.27 -22.50
CA MET A 15 1.17 10.61 -23.19
C MET A 15 0.92 12.11 -23.18
N GLU A 16 0.00 12.53 -24.04
CA GLU A 16 -0.34 13.94 -24.20
C GLU A 16 -0.94 14.57 -22.94
N ARG A 17 -0.25 15.54 -22.39
CA ARG A 17 -0.75 16.22 -21.20
C ARG A 17 -2.08 16.96 -21.42
N THR A 18 -2.38 17.29 -22.66
CA THR A 18 -3.63 17.96 -22.95
C THR A 18 -4.79 16.97 -22.95
N ASP A 19 -4.49 15.68 -23.14
CA ASP A 19 -5.51 14.63 -23.22
C ASP A 19 -6.19 14.40 -21.87
N ILE A 20 -5.69 15.05 -20.83
CA ILE A 20 -6.23 14.90 -19.48
C ILE A 20 -6.75 16.19 -18.88
N THR A 21 -8.06 16.22 -18.67
CA THR A 21 -8.73 17.37 -18.05
C THR A 21 -8.54 17.42 -16.53
N MET A 22 -7.40 17.95 -16.09
CA MET A 22 -7.14 18.07 -14.67
C MET A 22 -8.32 18.67 -13.94
N LYS A 23 -8.39 18.43 -12.63
CA LYS A 23 -9.48 18.91 -11.82
C LYS A 23 -9.01 19.51 -10.51
N HIS A 24 -9.60 19.00 -9.43
CA HIS A 24 -9.34 19.48 -8.10
C HIS A 24 -8.53 18.37 -7.44
N LYS A 25 -8.08 18.63 -6.22
CA LYS A 25 -7.31 17.66 -5.46
C LYS A 25 -8.12 16.54 -4.82
N LEU A 26 -7.49 15.37 -4.78
CA LEU A 26 -7.99 14.25 -3.99
C LEU A 26 -7.07 14.41 -2.80
N GLY A 27 -7.49 15.24 -1.84
CA GLY A 27 -6.72 15.58 -0.65
C GLY A 27 -5.50 14.69 -0.35
N GLY A 28 -4.31 15.21 -0.66
CA GLY A 28 -3.07 14.48 -0.44
C GLY A 28 -2.29 15.13 0.70
N GLY A 32 3.77 14.83 -2.07
CA GLY A 32 3.39 15.48 -3.33
C GLY A 32 1.90 15.85 -3.38
N GLU A 33 1.26 15.65 -4.54
CA GLU A 33 -0.18 15.96 -4.70
C GLU A 33 -0.83 15.18 -5.85
N VAL A 34 -1.98 14.57 -5.55
CA VAL A 34 -2.76 13.83 -6.54
C VAL A 34 -4.10 14.54 -6.78
N TYR A 35 -4.40 14.88 -8.02
CA TYR A 35 -5.68 15.47 -8.31
C TYR A 35 -6.49 14.35 -8.95
N GLU A 36 -7.74 14.62 -9.26
CA GLU A 36 -8.54 13.65 -9.97
C GLU A 36 -8.56 14.22 -11.37
N GLY A 37 -8.57 13.36 -12.38
CA GLY A 37 -8.55 13.85 -13.74
C GLY A 37 -9.43 13.01 -14.63
N VAL A 38 -9.73 13.52 -15.81
CA VAL A 38 -10.48 12.78 -16.80
C VAL A 38 -9.54 12.57 -17.96
N TRP A 39 -9.70 11.44 -18.63
CA TRP A 39 -8.93 11.16 -19.81
C TRP A 39 -9.98 11.28 -20.89
N LYS A 40 -10.10 12.49 -21.45
CA LYS A 40 -11.12 12.80 -22.44
C LYS A 40 -11.33 11.69 -23.48
N LYS A 41 -10.22 11.24 -24.07
CA LYS A 41 -10.24 10.19 -25.09
C LYS A 41 -11.16 9.01 -24.76
N TYR A 42 -11.24 8.66 -23.48
CA TYR A 42 -12.06 7.52 -23.03
C TYR A 42 -13.11 7.86 -21.96
N SER A 43 -13.32 9.15 -21.70
CA SER A 43 -14.30 9.60 -20.71
C SER A 43 -14.09 8.90 -19.36
N LEU A 44 -12.84 8.63 -19.06
CA LEU A 44 -12.48 7.89 -17.85
C LEU A 44 -11.83 8.75 -16.78
N THR A 45 -12.41 8.74 -15.57
CA THR A 45 -11.83 9.48 -14.46
C THR A 45 -10.56 8.75 -14.01
N VAL A 46 -9.51 9.52 -13.72
CA VAL A 46 -8.24 8.91 -13.33
C VAL A 46 -7.50 9.65 -12.22
N ALA A 47 -6.44 9.03 -11.73
CA ALA A 47 -5.64 9.62 -10.66
C ALA A 47 -4.37 10.20 -11.25
N VAL A 48 -4.10 11.46 -10.96
CA VAL A 48 -2.92 12.10 -11.49
C VAL A 48 -2.11 12.58 -10.33
N LYS A 49 -0.89 12.03 -10.25
CA LYS A 49 0.08 12.39 -9.21
C LYS A 49 1.04 13.37 -9.82
N THR A 50 1.29 14.47 -9.12
CA THR A 50 2.20 15.48 -9.67
C THR A 50 3.27 15.89 -8.66
N LEU A 51 4.22 16.72 -9.08
CA LEU A 51 5.29 17.20 -8.23
C LEU A 51 4.99 18.57 -7.61
N ASP A 54 9.40 23.08 -8.81
CA ASP A 54 10.63 23.42 -8.11
C ASP A 54 10.68 22.72 -6.76
N THR A 55 11.04 21.44 -6.79
CA THR A 55 11.07 20.61 -5.61
C THR A 55 12.33 19.76 -5.56
N MET A 56 12.66 19.31 -4.34
CA MET A 56 13.90 18.58 -4.05
C MET A 56 13.94 17.04 -4.25
N GLU A 57 13.03 16.47 -5.03
CA GLU A 57 13.03 15.01 -5.25
C GLU A 57 12.76 14.57 -6.68
N VAL A 58 13.32 15.26 -7.66
CA VAL A 58 13.06 14.82 -9.01
C VAL A 58 13.61 13.43 -9.32
N GLU A 59 14.84 13.16 -8.89
CA GLU A 59 15.48 11.85 -9.10
C GLU A 59 14.58 10.76 -8.55
N GLU A 60 13.80 11.15 -7.55
CA GLU A 60 12.91 10.23 -6.84
C GLU A 60 11.56 10.02 -7.52
N PHE A 61 10.97 11.10 -8.00
CA PHE A 61 9.74 11.00 -8.75
C PHE A 61 9.92 10.10 -9.97
N LEU A 62 10.80 10.50 -10.90
CA LEU A 62 11.04 9.74 -12.12
C LEU A 62 11.37 8.28 -11.80
N LYS A 63 11.88 8.05 -10.60
CA LYS A 63 12.25 6.71 -10.18
C LYS A 63 10.96 5.89 -9.97
N GLU A 64 10.01 6.54 -9.30
CA GLU A 64 8.70 5.97 -9.08
C GLU A 64 8.06 5.67 -10.43
N ALA A 65 8.10 6.66 -11.33
CA ALA A 65 7.58 6.48 -12.67
C ALA A 65 8.19 5.20 -13.23
N ALA A 66 9.50 5.22 -13.41
CA ALA A 66 10.28 4.07 -13.87
C ALA A 66 9.84 2.72 -13.31
N VAL A 67 9.73 2.64 -11.99
CA VAL A 67 9.28 1.42 -11.32
C VAL A 67 7.90 0.98 -11.82
N MET A 68 6.96 1.89 -11.69
CA MET A 68 5.58 1.64 -12.09
C MET A 68 5.49 1.03 -13.46
N LYS A 69 6.48 1.35 -14.28
CA LYS A 69 6.51 0.88 -15.66
C LYS A 69 6.88 -0.59 -15.73
N GLU A 70 7.46 -1.08 -14.65
CA GLU A 70 7.92 -2.48 -14.57
C GLU A 70 6.94 -3.42 -13.90
N ILE A 71 6.00 -2.88 -13.11
CA ILE A 71 5.03 -3.72 -12.40
C ILE A 71 3.60 -3.80 -12.96
N LYS A 72 3.08 -5.01 -12.99
CA LYS A 72 1.72 -5.22 -13.50
C LYS A 72 1.08 -6.40 -12.79
N HIS A 73 -0.12 -6.18 -12.24
CA HIS A 73 -0.84 -7.19 -11.48
C HIS A 73 -2.25 -6.68 -11.13
N PRO A 74 -3.20 -7.59 -11.07
CA PRO A 74 -4.59 -7.20 -10.82
C PRO A 74 -4.78 -6.50 -9.45
N ASN A 75 -3.92 -6.81 -8.51
CA ASN A 75 -4.03 -6.20 -7.18
C ASN A 75 -2.99 -5.18 -6.82
N LEU A 76 -2.50 -4.45 -7.82
CA LEU A 76 -1.54 -3.33 -7.64
C LEU A 76 -2.08 -2.17 -8.45
N VAL A 77 -2.07 -0.95 -7.92
CA VAL A 77 -2.64 0.16 -8.68
C VAL A 77 -1.99 0.24 -10.06
N GLN A 78 -2.82 0.39 -11.08
CA GLN A 78 -2.33 0.40 -12.46
C GLN A 78 -2.01 1.75 -13.07
N LEU A 79 -0.75 1.86 -13.52
CA LEU A 79 -0.23 3.04 -14.21
C LEU A 79 -0.75 3.08 -15.64
N LEU A 80 -1.39 4.19 -16.02
CA LEU A 80 -1.97 4.33 -17.35
C LEU A 80 -1.00 5.00 -18.32
N GLY A 81 -0.16 5.88 -17.77
CA GLY A 81 0.79 6.65 -18.57
C GLY A 81 1.52 7.68 -17.70
N VAL A 82 2.40 8.45 -18.31
CA VAL A 82 3.11 9.50 -17.59
C VAL A 82 3.18 10.81 -18.39
N CYS A 83 3.95 11.73 -17.85
CA CYS A 83 4.17 13.04 -18.44
C CYS A 83 5.47 13.51 -17.83
N THR A 84 6.57 12.95 -18.31
CA THR A 84 7.89 13.29 -17.79
C THR A 84 8.86 13.69 -18.89
N ARG A 85 8.31 14.20 -19.99
CA ARG A 85 9.10 14.70 -21.12
C ARG A 85 9.33 16.18 -20.82
N GLU A 86 8.24 16.87 -20.47
CA GLU A 86 8.26 18.29 -20.09
C GLU A 86 7.44 18.55 -18.81
N PRO A 87 8.06 19.22 -17.82
CA PRO A 87 7.35 19.52 -16.57
C PRO A 87 6.07 20.35 -16.84
N PRO A 88 5.14 20.46 -15.88
CA PRO A 88 5.29 19.82 -14.57
C PRO A 88 5.06 18.31 -14.66
N PHE A 89 5.77 17.54 -13.87
CA PHE A 89 5.74 16.09 -13.94
C PHE A 89 4.46 15.41 -13.47
N TYR A 90 3.91 14.58 -14.35
CA TYR A 90 2.66 13.84 -14.13
C TYR A 90 2.90 12.35 -13.95
N ILE A 91 1.85 11.66 -13.54
CA ILE A 91 1.86 10.20 -13.31
C ILE A 91 0.42 9.75 -13.26
N ILE A 92 -0.06 9.14 -14.35
CA ILE A 92 -1.44 8.74 -14.42
C ILE A 92 -1.73 7.27 -14.17
N THR A 93 -2.59 7.03 -13.18
CA THR A 93 -3.06 5.71 -12.82
C THR A 93 -4.58 5.70 -12.77
N GLU A 94 -5.15 4.51 -12.88
CA GLU A 94 -6.60 4.35 -12.81
C GLU A 94 -7.06 4.95 -11.52
N PHE A 95 -8.34 5.34 -11.48
CA PHE A 95 -8.95 5.87 -10.27
C PHE A 95 -9.61 4.72 -9.52
N MET A 96 -9.67 4.85 -8.20
CA MET A 96 -10.25 3.85 -7.35
C MET A 96 -11.32 4.55 -6.54
N THR A 97 -12.51 4.63 -7.15
CA THR A 97 -13.68 5.29 -6.59
C THR A 97 -13.77 5.29 -5.07
N TYR A 98 -13.44 4.17 -4.43
CA TYR A 98 -13.62 4.13 -2.98
C TYR A 98 -12.52 4.71 -2.11
N GLY A 99 -11.48 5.26 -2.75
CA GLY A 99 -10.42 5.92 -2.03
C GLY A 99 -9.54 4.90 -1.34
N ASN A 100 -9.06 5.25 -0.16
CA ASN A 100 -8.12 4.41 0.54
C ASN A 100 -8.70 3.42 1.56
N LEU A 101 -8.13 2.22 1.59
CA LEU A 101 -8.60 1.16 2.42
C LEU A 101 -8.91 1.49 3.88
N LEU A 102 -8.13 2.37 4.50
CA LEU A 102 -8.31 2.68 5.94
C LEU A 102 -9.58 3.48 6.27
N ASP A 103 -9.81 4.54 5.52
CA ASP A 103 -11.02 5.29 5.71
C ASP A 103 -12.19 4.35 5.41
N TYR A 104 -12.16 3.73 4.21
CA TYR A 104 -13.16 2.74 3.79
C TYR A 104 -13.58 1.85 4.95
N LEU A 105 -12.63 1.13 5.51
CA LEU A 105 -12.92 0.28 6.62
C LEU A 105 -13.61 1.04 7.77
N ARG A 106 -13.44 2.35 7.80
CA ARG A 106 -13.94 3.14 8.93
C ARG A 106 -15.32 3.74 8.63
N GLU A 107 -15.65 3.79 7.35
CA GLU A 107 -16.92 4.32 6.91
C GLU A 107 -17.78 3.35 6.10
N CYS A 108 -17.53 2.05 6.26
CA CYS A 108 -18.29 1.08 5.49
C CYS A 108 -19.51 0.61 6.28
N ASN A 109 -20.39 -0.10 5.58
CA ASN A 109 -21.51 -0.78 6.19
C ASN A 109 -20.97 -2.19 6.45
N ARG A 110 -20.71 -2.44 7.73
CA ARG A 110 -20.21 -3.70 8.21
C ARG A 110 -21.11 -4.90 7.95
N GLN A 111 -22.30 -4.65 7.43
CA GLN A 111 -23.18 -5.77 7.17
C GLN A 111 -22.73 -6.15 5.80
N GLU A 112 -22.56 -5.15 4.94
CA GLU A 112 -22.02 -5.37 3.58
C GLU A 112 -20.53 -5.75 3.56
N VAL A 113 -19.77 -5.32 4.57
CA VAL A 113 -18.34 -5.64 4.64
C VAL A 113 -18.09 -6.61 5.82
N SER A 114 -18.65 -7.81 5.70
CA SER A 114 -18.56 -8.83 6.74
C SER A 114 -17.24 -9.54 6.80
N ALA A 115 -17.15 -10.54 7.67
CA ALA A 115 -15.94 -11.33 7.83
C ALA A 115 -15.38 -11.90 6.51
N VAL A 116 -16.26 -12.44 5.67
CA VAL A 116 -15.86 -13.04 4.40
C VAL A 116 -15.23 -11.96 3.52
N VAL A 117 -15.87 -10.79 3.48
CA VAL A 117 -15.36 -9.73 2.63
C VAL A 117 -13.98 -9.27 3.06
N LEU A 118 -13.79 -9.19 4.38
CA LEU A 118 -12.55 -8.80 4.98
C LEU A 118 -11.49 -9.83 4.71
N LEU A 119 -11.90 -11.08 4.58
CA LEU A 119 -10.96 -12.18 4.33
C LEU A 119 -10.52 -12.14 2.86
N TYR A 120 -11.41 -11.63 2.03
CA TYR A 120 -11.19 -11.51 0.60
C TYR A 120 -10.18 -10.40 0.36
N MET A 121 -10.33 -9.30 1.09
CA MET A 121 -9.45 -8.14 0.94
C MET A 121 -8.02 -8.54 1.30
N ALA A 122 -7.87 -9.25 2.41
CA ALA A 122 -6.55 -9.75 2.77
C ALA A 122 -5.97 -10.66 1.70
N THR A 123 -6.83 -11.46 1.06
CA THR A 123 -6.36 -12.40 0.04
C THR A 123 -5.84 -11.64 -1.17
N GLN A 124 -6.61 -10.67 -1.64
CA GLN A 124 -6.15 -9.79 -2.69
C GLN A 124 -4.78 -9.17 -2.36
N ILE A 125 -4.69 -8.49 -1.23
CA ILE A 125 -3.44 -7.87 -0.86
C ILE A 125 -2.28 -8.88 -0.81
N SER A 126 -2.52 -10.02 -0.18
CA SER A 126 -1.44 -11.03 -0.09
C SER A 126 -0.95 -11.39 -1.49
N SER A 127 -1.90 -11.66 -2.41
CA SER A 127 -1.59 -11.93 -3.80
C SER A 127 -0.66 -10.88 -4.45
N ALA A 128 -0.90 -9.59 -4.19
CA ALA A 128 -0.08 -8.57 -4.80
C ALA A 128 1.33 -8.67 -4.26
N MET A 129 1.43 -8.92 -2.96
CA MET A 129 2.71 -8.99 -2.31
C MET A 129 3.52 -10.19 -2.76
N GLU A 130 2.85 -11.28 -3.06
CA GLU A 130 3.51 -12.46 -3.61
C GLU A 130 4.17 -12.11 -4.94
N TYR A 131 3.44 -11.39 -5.78
CA TYR A 131 4.01 -10.92 -7.01
C TYR A 131 5.25 -10.13 -6.65
N LEU A 132 5.08 -8.97 -6.00
CA LEU A 132 6.19 -8.07 -5.65
C LEU A 132 7.36 -8.81 -5.04
N GLU A 133 7.05 -9.87 -4.31
CA GLU A 133 8.08 -10.67 -3.68
C GLU A 133 8.81 -11.43 -4.77
N LYS A 134 8.04 -11.93 -5.74
CA LYS A 134 8.58 -12.70 -6.87
C LYS A 134 9.44 -11.78 -7.73
N LYS A 135 9.08 -10.51 -7.83
CA LYS A 135 9.86 -9.57 -8.63
C LYS A 135 10.92 -8.92 -7.76
N ASN A 136 11.19 -9.53 -6.61
CA ASN A 136 12.17 -9.01 -5.66
C ASN A 136 12.06 -7.52 -5.40
N PHE A 137 10.83 -7.02 -5.32
CA PHE A 137 10.62 -5.59 -5.07
C PHE A 137 10.15 -5.34 -3.64
N ILE A 138 10.73 -4.35 -2.98
CA ILE A 138 10.43 -4.06 -1.56
C ILE A 138 9.52 -2.86 -1.36
N HIS A 139 8.33 -3.08 -0.84
CA HIS A 139 7.36 -2.00 -0.72
C HIS A 139 7.81 -0.85 0.14
N ARG A 140 8.19 -1.20 1.36
CA ARG A 140 8.68 -0.22 2.35
C ARG A 140 7.64 0.47 3.23
N ASP A 141 6.41 0.60 2.76
CA ASP A 141 5.38 1.28 3.54
C ASP A 141 4.00 0.68 3.25
N LEU A 142 3.91 -0.63 3.45
CA LEU A 142 2.68 -1.34 3.27
C LEU A 142 1.82 -1.04 4.51
N ALA A 143 0.57 -0.61 4.26
CA ALA A 143 -0.39 -0.29 5.30
C ALA A 143 -1.70 0.11 4.63
N ALA A 144 -2.80 0.01 5.35
CA ALA A 144 -4.12 0.29 4.80
C ALA A 144 -4.27 1.68 4.25
N ARG A 145 -3.57 2.65 4.82
CA ARG A 145 -3.71 3.98 4.26
C ARG A 145 -3.17 4.01 2.85
N ASN A 146 -2.39 2.99 2.52
CA ASN A 146 -1.73 2.87 1.23
C ASN A 146 -2.43 1.92 0.25
N CYS A 147 -3.47 1.21 0.71
CA CYS A 147 -4.25 0.39 -0.22
C CYS A 147 -5.50 1.14 -0.67
N LEU A 148 -5.94 0.88 -1.89
CA LEU A 148 -7.12 1.52 -2.49
C LEU A 148 -8.31 0.58 -2.74
N VAL A 149 -9.52 1.14 -2.68
CA VAL A 149 -10.73 0.39 -2.79
C VAL A 149 -11.59 0.68 -4.00
N GLY A 150 -12.00 -0.39 -4.69
CA GLY A 150 -12.79 -0.23 -5.90
C GLY A 150 -14.09 -1.02 -5.84
N GLU A 151 -14.70 -1.18 -7.02
CA GLU A 151 -15.99 -1.84 -7.11
C GLU A 151 -15.89 -3.30 -6.82
N ASN A 152 -16.90 -3.79 -6.11
CA ASN A 152 -16.98 -5.20 -5.74
C ASN A 152 -15.80 -5.53 -4.84
N HIS A 153 -15.60 -4.67 -3.86
CA HIS A 153 -14.58 -4.91 -2.86
C HIS A 153 -13.22 -5.23 -3.44
N LEU A 154 -12.97 -4.73 -4.65
CA LEU A 154 -11.67 -4.90 -5.27
C LEU A 154 -10.64 -4.03 -4.52
N VAL A 155 -9.59 -4.69 -4.04
CA VAL A 155 -8.53 -3.98 -3.33
C VAL A 155 -7.19 -4.09 -4.04
N LYS A 156 -6.56 -2.93 -4.23
CA LYS A 156 -5.22 -2.82 -4.81
C LYS A 156 -4.21 -2.15 -3.85
N VAL A 157 -2.99 -2.68 -3.80
CA VAL A 157 -1.87 -2.10 -3.03
C VAL A 157 -1.26 -0.93 -3.81
N ALA A 158 -0.90 0.14 -3.12
CA ALA A 158 -0.35 1.34 -3.74
C ALA A 158 0.80 1.94 -2.91
N ASP A 159 1.16 3.19 -3.21
CA ASP A 159 2.15 3.92 -2.41
C ASP A 159 1.86 5.39 -2.64
N PHE A 160 1.66 6.12 -1.55
CA PHE A 160 1.33 7.52 -1.70
C PHE A 160 2.56 8.41 -1.51
N GLY A 161 3.48 7.95 -0.67
CA GLY A 161 4.62 8.76 -0.26
C GLY A 161 4.04 9.65 0.84
N LEU A 162 3.25 9.02 1.72
CA LEU A 162 2.54 9.69 2.82
C LEU A 162 3.48 10.36 3.84
N SER A 163 4.74 9.94 3.80
CA SER A 163 5.82 10.39 4.70
C SER A 163 5.75 11.83 5.15
N ARG A 164 5.74 12.73 4.16
CA ARG A 164 5.71 14.17 4.38
C ARG A 164 4.28 14.72 4.18
N LEU A 165 3.50 14.04 3.32
CA LEU A 165 2.09 14.38 3.12
C LEU A 165 1.53 14.32 4.55
N MET A 166 2.05 13.36 5.29
CA MET A 166 1.66 13.15 6.69
C MET A 166 2.75 13.36 7.71
N THR A 167 2.27 13.80 8.87
CA THR A 167 3.11 14.13 9.99
C THR A 167 2.24 13.78 11.18
N GLY A 168 0.92 13.67 10.93
CA GLY A 168 -0.10 13.31 11.95
C GLY A 168 0.55 12.79 13.23
N ASP A 169 0.62 11.47 13.37
CA ASP A 169 1.38 10.83 14.46
C ASP A 169 1.72 9.46 13.90
N THR A 170 1.21 9.24 12.71
CA THR A 170 1.46 8.05 11.94
C THR A 170 2.96 7.84 11.77
N TYR A 171 3.62 8.90 11.30
CA TYR A 171 5.05 8.87 10.99
C TYR A 171 5.91 9.74 11.91
N THR A 172 7.05 9.20 12.32
CA THR A 172 8.02 9.93 13.13
C THR A 172 9.45 9.78 12.56
N ALA A 173 10.40 10.58 13.04
CA ALA A 173 11.77 10.51 12.56
C ALA A 173 12.61 9.36 13.08
N HIS A 174 13.25 8.66 12.15
CA HIS A 174 14.21 7.61 12.40
C HIS A 174 14.92 7.78 11.03
N ALA A 175 16.14 7.28 10.85
CA ALA A 175 16.89 7.48 9.59
C ALA A 175 16.88 8.92 9.01
N GLY A 176 16.96 9.03 7.68
CA GLY A 176 16.96 10.33 7.02
C GLY A 176 15.54 10.93 6.90
N ALA A 177 14.56 10.27 7.50
CA ALA A 177 13.18 10.75 7.42
C ALA A 177 12.20 10.25 8.47
N LYS A 178 10.96 10.06 8.04
CA LYS A 178 9.89 9.63 8.91
C LYS A 178 9.49 8.21 8.58
N PHE A 179 9.01 7.49 9.60
CA PHE A 179 8.65 6.07 9.47
C PHE A 179 7.36 5.69 10.23
N PRO A 180 6.49 4.92 9.57
CA PRO A 180 5.30 4.42 10.23
C PRO A 180 5.81 3.47 11.30
N ILE A 181 6.09 4.03 12.45
CA ILE A 181 6.62 3.24 13.54
C ILE A 181 5.85 1.96 13.82
N LYS A 182 4.53 2.08 13.95
CA LYS A 182 3.74 0.91 14.33
C LYS A 182 3.68 -0.16 13.27
N TRP A 183 3.99 0.22 12.02
CA TRP A 183 4.03 -0.72 10.93
C TRP A 183 5.44 -1.22 10.65
N THR A 184 6.44 -0.53 11.21
CA THR A 184 7.83 -0.84 10.95
C THR A 184 8.35 -1.98 11.76
N ALA A 185 9.01 -2.91 11.09
CA ALA A 185 9.50 -4.10 11.74
C ALA A 185 10.70 -3.78 12.60
N PRO A 186 11.01 -4.72 13.50
CA PRO A 186 12.13 -4.59 14.43
C PRO A 186 13.43 -4.23 13.73
N GLU A 187 13.96 -5.20 13.01
CA GLU A 187 15.18 -5.04 12.25
C GLU A 187 15.23 -3.71 11.52
N SER A 188 14.10 -3.23 11.02
CA SER A 188 14.12 -1.98 10.26
C SER A 188 14.19 -0.73 11.14
N LEU A 189 13.56 -0.81 12.31
CA LEU A 189 13.62 0.28 13.26
C LEU A 189 15.04 0.38 13.84
N ALA A 190 15.66 -0.77 14.06
CA ALA A 190 16.98 -0.84 14.69
C ALA A 190 18.21 -0.85 13.79
N TYR A 191 18.06 -1.23 12.52
CA TYR A 191 19.19 -1.27 11.60
C TYR A 191 18.92 -0.69 10.23
N ASN A 192 17.71 -0.17 10.01
CA ASN A 192 17.37 0.35 8.69
C ASN A 192 17.54 -0.79 7.66
N LYS A 193 17.17 -2.00 8.08
CA LYS A 193 17.21 -3.18 7.21
C LYS A 193 15.79 -3.45 6.71
N PHE A 194 15.54 -3.11 5.45
CA PHE A 194 14.24 -3.30 4.83
C PHE A 194 14.36 -4.45 3.84
N SER A 195 13.48 -5.44 3.97
CA SER A 195 13.42 -6.58 3.07
C SER A 195 11.97 -6.94 2.82
N ILE A 196 11.75 -8.00 2.05
CA ILE A 196 10.40 -8.45 1.79
C ILE A 196 9.81 -8.98 3.10
N LYS A 197 10.71 -9.44 3.97
CA LYS A 197 10.37 -9.94 5.29
C LYS A 197 9.92 -8.78 6.18
N SER A 198 10.34 -7.57 5.83
CA SER A 198 9.96 -6.40 6.59
C SER A 198 8.54 -6.05 6.18
N ASP A 199 8.26 -6.16 4.88
CA ASP A 199 6.91 -5.98 4.33
C ASP A 199 5.94 -7.00 4.94
N VAL A 200 6.43 -8.23 5.16
CA VAL A 200 5.57 -9.27 5.72
C VAL A 200 5.06 -8.78 7.07
N TRP A 201 6.00 -8.28 7.89
CA TRP A 201 5.68 -7.68 9.18
C TRP A 201 4.52 -6.70 9.03
N ALA A 202 4.74 -5.66 8.22
CA ALA A 202 3.73 -4.64 8.02
C ALA A 202 2.37 -5.23 7.58
N PHE A 203 2.43 -6.31 6.79
CA PHE A 203 1.25 -6.95 6.26
C PHE A 203 0.49 -7.37 7.46
N GLY A 204 1.19 -8.06 8.33
CA GLY A 204 0.61 -8.55 9.57
C GLY A 204 -0.15 -7.45 10.28
N VAL A 205 0.40 -6.24 10.29
CA VAL A 205 -0.26 -5.14 10.96
C VAL A 205 -1.46 -4.73 10.16
N LEU A 206 -1.27 -4.56 8.85
CA LEU A 206 -2.35 -4.20 7.93
C LEU A 206 -3.54 -5.17 8.12
N LEU A 207 -3.24 -6.43 8.40
CA LEU A 207 -4.28 -7.44 8.64
C LEU A 207 -5.09 -6.88 9.77
N TRP A 208 -4.40 -6.68 10.89
CA TRP A 208 -4.97 -6.09 12.08
C TRP A 208 -5.82 -4.89 11.73
N GLU A 209 -5.32 -4.02 10.87
CA GLU A 209 -6.11 -2.86 10.54
C GLU A 209 -7.45 -3.33 10.00
N ILE A 210 -7.39 -4.40 9.20
CA ILE A 210 -8.55 -5.00 8.51
C ILE A 210 -9.48 -5.68 9.50
N ALA A 211 -8.92 -6.51 10.35
CA ALA A 211 -9.70 -7.16 11.38
C ALA A 211 -10.54 -6.19 12.22
N THR A 212 -10.02 -4.97 12.42
CA THR A 212 -10.70 -3.96 13.25
C THR A 212 -11.38 -2.83 12.47
N TYR A 213 -11.76 -3.07 11.24
CA TYR A 213 -12.43 -2.05 10.48
C TYR A 213 -11.71 -0.70 10.42
N GLY A 214 -10.41 -0.74 10.69
CA GLY A 214 -9.59 0.44 10.50
C GLY A 214 -9.14 1.16 11.75
N MET A 215 -8.90 0.41 12.82
CA MET A 215 -8.47 1.03 14.06
C MET A 215 -6.95 1.19 14.04
N SER A 216 -6.46 2.33 14.56
CA SER A 216 -5.04 2.64 14.66
C SER A 216 -4.29 1.62 15.52
N PRO A 217 -3.18 1.10 14.99
CA PRO A 217 -2.41 0.03 15.64
C PRO A 217 -1.87 0.37 17.03
N TYR A 218 -1.65 -0.68 17.83
CA TYR A 218 -1.17 -0.54 19.22
C TYR A 218 -1.82 0.68 19.85
N PRO A 219 -3.14 0.65 19.99
CA PRO A 219 -3.87 1.80 20.49
C PRO A 219 -3.39 2.18 21.90
N GLY A 220 -3.23 3.48 22.12
CA GLY A 220 -2.81 4.03 23.41
C GLY A 220 -1.29 4.09 23.54
N ILE A 221 -0.63 2.99 23.22
CA ILE A 221 0.81 2.96 23.28
C ILE A 221 1.44 4.12 22.50
N ASP A 222 2.55 4.64 23.03
CA ASP A 222 3.30 5.74 22.45
C ASP A 222 4.42 5.14 21.63
N LEU A 223 4.74 5.77 20.51
CA LEU A 223 5.79 5.26 19.61
C LEU A 223 7.06 4.80 20.32
N SER A 224 7.60 5.66 21.16
CA SER A 224 8.86 5.39 21.84
C SER A 224 8.97 4.03 22.49
N GLN A 225 7.85 3.48 22.93
CA GLN A 225 7.91 2.23 23.68
C GLN A 225 7.58 0.96 22.88
N VAL A 226 7.11 1.17 21.65
CA VAL A 226 6.77 0.08 20.76
C VAL A 226 7.90 -0.97 20.65
N TYR A 227 9.10 -0.54 20.28
CA TYR A 227 10.24 -1.45 20.07
C TYR A 227 10.53 -2.31 21.28
N GLU A 228 10.73 -1.63 22.40
CA GLU A 228 10.99 -2.26 23.69
C GLU A 228 10.06 -3.47 23.94
N LEU A 229 8.75 -3.21 23.89
CA LEU A 229 7.74 -4.25 24.07
C LEU A 229 7.98 -5.42 23.11
N LEU A 230 7.93 -5.10 21.82
CA LEU A 230 8.13 -6.10 20.80
C LEU A 230 9.45 -6.82 21.09
N GLU A 231 10.41 -6.11 21.66
CA GLU A 231 11.72 -6.70 21.97
C GLU A 231 11.63 -7.99 22.75
N LYS A 232 10.87 -7.95 23.84
CA LYS A 232 10.75 -9.10 24.73
C LYS A 232 9.54 -9.97 24.40
N ASP A 233 9.01 -9.77 23.20
CA ASP A 233 7.91 -10.55 22.70
C ASP A 233 6.50 -10.17 23.16
N TYR A 234 6.09 -8.94 22.87
CA TYR A 234 4.72 -8.53 23.11
C TYR A 234 4.07 -8.24 21.74
N ARG A 235 2.77 -8.48 21.61
CA ARG A 235 2.09 -8.25 20.33
C ARG A 235 0.64 -7.82 20.51
N MET A 236 0.06 -7.22 19.48
CA MET A 236 -1.35 -6.85 19.51
C MET A 236 -2.11 -8.15 19.85
N GLU A 237 -3.29 -8.00 20.43
CA GLU A 237 -4.10 -9.17 20.78
C GLU A 237 -5.10 -9.40 19.64
N ARG A 238 -5.59 -10.64 19.50
CA ARG A 238 -6.58 -10.95 18.47
C ARG A 238 -7.75 -9.97 18.52
N PRO A 239 -8.13 -9.39 17.38
CA PRO A 239 -9.23 -8.44 17.35
C PRO A 239 -10.59 -9.14 17.32
N GLU A 240 -11.59 -8.51 17.93
CA GLU A 240 -12.93 -9.09 18.03
C GLU A 240 -13.54 -9.48 16.68
N GLY A 241 -13.77 -10.77 16.49
CA GLY A 241 -14.36 -11.25 15.24
C GLY A 241 -13.32 -11.98 14.38
N CYS A 242 -12.06 -11.63 14.56
CA CYS A 242 -11.00 -12.24 13.76
C CYS A 242 -10.92 -13.73 14.01
N PRO A 243 -10.92 -14.50 12.93
CA PRO A 243 -10.83 -15.95 13.02
C PRO A 243 -9.50 -16.33 13.65
N GLU A 244 -9.48 -17.49 14.30
CA GLU A 244 -8.28 -17.96 14.93
C GLU A 244 -7.17 -18.15 13.92
N LYS A 245 -7.51 -18.62 12.73
CA LYS A 245 -6.53 -18.93 11.70
C LYS A 245 -5.90 -17.68 11.10
N VAL A 246 -6.68 -16.60 11.07
CA VAL A 246 -6.18 -15.35 10.53
C VAL A 246 -5.13 -14.85 11.51
N TYR A 247 -5.56 -14.74 12.75
CA TYR A 247 -4.71 -14.28 13.84
C TYR A 247 -3.41 -15.06 13.94
N GLU A 248 -3.49 -16.39 13.92
CA GLU A 248 -2.30 -17.20 13.99
C GLU A 248 -1.36 -16.68 12.92
N LEU A 249 -1.96 -16.28 11.80
CA LEU A 249 -1.18 -15.79 10.66
C LEU A 249 -0.43 -14.53 11.03
N MET A 250 -1.15 -13.52 11.55
CA MET A 250 -0.53 -12.26 11.95
C MET A 250 0.70 -12.55 12.79
N ARG A 251 0.53 -13.37 13.80
CA ARG A 251 1.62 -13.71 14.69
C ARG A 251 2.83 -14.18 13.92
N ALA A 252 2.61 -15.13 13.02
CA ALA A 252 3.71 -15.66 12.22
C ALA A 252 4.43 -14.55 11.45
N CYS A 253 3.70 -13.50 11.09
CA CYS A 253 4.27 -12.38 10.35
C CYS A 253 5.08 -11.57 11.32
N TRP A 254 4.60 -11.52 12.57
CA TRP A 254 5.22 -10.71 13.60
C TRP A 254 6.38 -11.34 14.34
N GLN A 255 6.88 -12.48 13.86
CA GLN A 255 8.05 -13.10 14.49
C GLN A 255 9.25 -12.15 14.51
N TRP A 256 9.97 -12.12 15.64
CA TRP A 256 11.13 -11.24 15.80
C TRP A 256 12.23 -11.50 14.76
N ASN A 257 12.35 -12.75 14.31
CA ASN A 257 13.36 -13.08 13.32
C ASN A 257 12.79 -13.15 11.90
N PRO A 258 13.20 -12.23 11.04
CA PRO A 258 12.69 -12.15 9.68
C PRO A 258 12.64 -13.49 8.97
N SER A 259 13.73 -14.23 9.08
CA SER A 259 13.84 -15.52 8.43
C SER A 259 12.80 -16.51 8.91
N ASP A 260 12.10 -16.16 9.98
CA ASP A 260 11.07 -17.03 10.52
C ASP A 260 9.72 -16.75 9.87
N ARG A 261 9.45 -15.47 9.61
CA ARG A 261 8.23 -15.03 8.95
C ARG A 261 7.97 -15.82 7.67
N PRO A 262 6.71 -16.17 7.45
CA PRO A 262 6.35 -16.94 6.27
C PRO A 262 6.47 -16.05 5.05
N SER A 263 6.73 -16.65 3.89
CA SER A 263 6.75 -15.89 2.66
C SER A 263 5.32 -15.52 2.27
N PHE A 264 5.23 -14.52 1.39
CA PHE A 264 3.94 -14.11 0.88
C PHE A 264 3.36 -15.24 0.06
N ALA A 265 4.21 -15.95 -0.65
CA ALA A 265 3.74 -17.14 -1.39
C ALA A 265 2.98 -18.06 -0.43
N GLU A 266 3.49 -18.17 0.78
CA GLU A 266 2.88 -18.99 1.81
C GLU A 266 1.65 -18.33 2.39
N ILE A 267 1.73 -17.01 2.54
CA ILE A 267 0.64 -16.24 3.12
C ILE A 267 -0.60 -16.25 2.21
N HIS A 268 -0.38 -16.16 0.90
CA HIS A 268 -1.44 -16.21 -0.07
C HIS A 268 -2.03 -17.63 -0.19
N GLN A 269 -1.15 -18.64 -0.11
CA GLN A 269 -1.60 -20.02 -0.16
C GLN A 269 -2.53 -20.34 1.01
N ALA A 270 -2.28 -19.69 2.14
CA ALA A 270 -3.09 -19.93 3.33
C ALA A 270 -4.42 -19.24 3.21
N PHE A 271 -4.43 -18.05 2.64
CA PHE A 271 -5.68 -17.34 2.45
C PHE A 271 -6.59 -18.01 1.45
N GLU A 272 -6.06 -18.33 0.27
CA GLU A 272 -6.81 -19.06 -0.76
C GLU A 272 -7.65 -20.20 -0.14
N THR A 273 -6.98 -21.02 0.67
CA THR A 273 -7.61 -22.14 1.37
C THR A 273 -8.70 -21.69 2.34
N MET A 274 -8.50 -20.54 2.96
CA MET A 274 -9.47 -20.04 3.92
C MET A 274 -10.65 -19.38 3.22
N PHE A 275 -10.35 -18.57 2.20
CA PHE A 275 -11.37 -17.84 1.46
C PHE A 275 -12.23 -18.80 0.64
N GLN A 276 -11.66 -19.92 0.21
CA GLN A 276 -12.44 -20.89 -0.55
C GLN A 276 -13.33 -21.70 0.41
N GLU A 277 -12.81 -21.97 1.60
CA GLU A 277 -13.58 -22.69 2.61
C GLU A 277 -14.76 -21.89 3.17
N SER A 278 -14.72 -20.56 3.02
CA SER A 278 -15.78 -19.71 3.52
C SER A 278 -16.74 -19.17 2.44
N SER A 279 -16.50 -19.56 1.20
CA SER A 279 -17.36 -19.16 0.09
C SER A 279 -17.03 -20.00 -1.16
N ILE A 280 -16.47 -19.45 -2.14
#